data_5E5Z
# 
_entry.id   5E5Z 
# 
_audit_conform.dict_name       mmcif_pdbx.dic 
_audit_conform.dict_version    5.387 
_audit_conform.dict_location   http://mmcif.pdb.org/dictionaries/ascii/mmcif_pdbx.dic 
# 
loop_
_database_2.database_id 
_database_2.database_code 
_database_2.pdbx_database_accession 
_database_2.pdbx_DOI 
PDB   5E5Z         pdb_00005e5z 10.2210/pdb5e5z/pdb 
WWPDB D_1000214421 ?            ?                   
# 
loop_
_pdbx_audit_revision_history.ordinal 
_pdbx_audit_revision_history.data_content_type 
_pdbx_audit_revision_history.major_revision 
_pdbx_audit_revision_history.minor_revision 
_pdbx_audit_revision_history.revision_date 
1 'Structure model' 1 0 2015-12-16 
2 'Structure model' 1 1 2016-01-20 
3 'Structure model' 1 2 2016-07-20 
4 'Structure model' 1 3 2024-03-06 
# 
_pdbx_audit_revision_details.ordinal             1 
_pdbx_audit_revision_details.revision_ordinal    1 
_pdbx_audit_revision_details.data_content_type   'Structure model' 
_pdbx_audit_revision_details.provider            repository 
_pdbx_audit_revision_details.type                'Initial release' 
_pdbx_audit_revision_details.description         ? 
_pdbx_audit_revision_details.details             ? 
# 
loop_
_pdbx_audit_revision_group.ordinal 
_pdbx_audit_revision_group.revision_ordinal 
_pdbx_audit_revision_group.data_content_type 
_pdbx_audit_revision_group.group 
1 2 'Structure model' 'Database references'  
2 3 'Structure model' 'Database references'  
3 4 'Structure model' 'Data collection'      
4 4 'Structure model' 'Database references'  
5 4 'Structure model' 'Derived calculations' 
# 
loop_
_pdbx_audit_revision_category.ordinal 
_pdbx_audit_revision_category.revision_ordinal 
_pdbx_audit_revision_category.data_content_type 
_pdbx_audit_revision_category.category 
1 4 'Structure model' chem_comp_atom        
2 4 'Structure model' chem_comp_bond        
3 4 'Structure model' citation              
4 4 'Structure model' database_2            
5 4 'Structure model' pdbx_struct_oper_list 
# 
loop_
_pdbx_audit_revision_item.ordinal 
_pdbx_audit_revision_item.revision_ordinal 
_pdbx_audit_revision_item.data_content_type 
_pdbx_audit_revision_item.item 
1 4 'Structure model' '_citation.journal_id_CSD'                  
2 4 'Structure model' '_database_2.pdbx_DOI'                      
3 4 'Structure model' '_database_2.pdbx_database_accession'       
4 4 'Structure model' '_pdbx_struct_oper_list.symmetry_operation' 
# 
_pdbx_database_status.status_code                     REL 
_pdbx_database_status.status_code_sf                  REL 
_pdbx_database_status.status_code_mr                  ? 
_pdbx_database_status.entry_id                        5E5Z 
_pdbx_database_status.recvd_initial_deposition_date   2015-10-09 
_pdbx_database_status.SG_entry                        N 
_pdbx_database_status.deposit_site                    RCSB 
_pdbx_database_status.process_site                    RCSB 
_pdbx_database_status.status_code_cs                  ? 
_pdbx_database_status.methods_development_category    ? 
_pdbx_database_status.pdb_format_compatible           Y 
_pdbx_database_status.status_code_nmr_data            ? 
# 
loop_
_pdbx_database_related.content_type 
_pdbx_database_related.db_id 
_pdbx_database_related.db_name 
_pdbx_database_related.details 
unspecified 5E5V PDB . 
unspecified 5E5X PDB . 
unspecified 5E61 PDB . 
# 
loop_
_audit_author.name 
_audit_author.pdbx_ordinal 
'Soriaga, A.B.' 1 
'Eisenberg, D.' 2 
# 
_citation.abstract                  ? 
_citation.abstract_id_CAS           ? 
_citation.book_id_ISBN              ? 
_citation.book_publisher            ? 
_citation.book_publisher_city       ? 
_citation.book_title                ? 
_citation.coordinate_linkage        ? 
_citation.country                   US 
_citation.database_id_Medline       ? 
_citation.details                   ? 
_citation.id                        primary 
_citation.journal_abbrev            J.Phys.Chem.B 
_citation.journal_id_ASTM           JPCBFK 
_citation.journal_id_CSD            1278 
_citation.journal_id_ISSN           1089-5647 
_citation.journal_full              ? 
_citation.journal_issue             ? 
_citation.journal_volume            120 
_citation.language                  ? 
_citation.page_first                5810 
_citation.page_last                 5816 
_citation.title                     
'Crystal Structures of IAPP Amyloidogenic Segments Reveal a Novel Packing Motif of Out-of-Register Beta Sheets.' 
_citation.year                      2016 
_citation.database_id_CSD           ? 
_citation.pdbx_database_id_DOI      10.1021/acs.jpcb.5b09981 
_citation.pdbx_database_id_PubMed   26629790 
_citation.unpublished_flag          ? 
# 
loop_
_citation_author.citation_id 
_citation_author.name 
_citation_author.ordinal 
_citation_author.identifier_ORCID 
primary 'Soriaga, A.B.' 1 ? 
primary 'Sangwan, S.'   2 ? 
primary 'Macdonald, R.' 3 ? 
primary 'Sawaya, M.R.'  4 ? 
primary 'Eisenberg, D.' 5 ? 
# 
loop_
_entity.id 
_entity.type 
_entity.src_method 
_entity.pdbx_description 
_entity.formula_weight 
_entity.pdbx_number_of_molecules 
_entity.pdbx_ec 
_entity.pdbx_mutation 
_entity.pdbx_fragment 
_entity.details 
1 polymer syn 'LVHSSN (residues 16-21) from islet amyloid polypeptide' 656.709 1 ? ? ? ? 
2 water   nat water                                                    18.015  1 ? ? ? ? 
# 
_entity_poly.entity_id                      1 
_entity_poly.type                           'polypeptide(L)' 
_entity_poly.nstd_linkage                   no 
_entity_poly.nstd_monomer                   no 
_entity_poly.pdbx_seq_one_letter_code       LVHSSN 
_entity_poly.pdbx_seq_one_letter_code_can   LVHSSN 
_entity_poly.pdbx_strand_id                 A 
_entity_poly.pdbx_target_identifier         ? 
# 
_pdbx_entity_nonpoly.entity_id   2 
_pdbx_entity_nonpoly.name        water 
_pdbx_entity_nonpoly.comp_id     HOH 
# 
loop_
_entity_poly_seq.entity_id 
_entity_poly_seq.num 
_entity_poly_seq.mon_id 
_entity_poly_seq.hetero 
1 1 LEU n 
1 2 VAL n 
1 3 HIS n 
1 4 SER n 
1 5 SER n 
1 6 ASN n 
# 
_pdbx_entity_src_syn.entity_id              1 
_pdbx_entity_src_syn.pdbx_src_id            1 
_pdbx_entity_src_syn.pdbx_alt_source_flag   sample 
_pdbx_entity_src_syn.pdbx_beg_seq_num       1 
_pdbx_entity_src_syn.pdbx_end_seq_num       6 
_pdbx_entity_src_syn.organism_scientific    'Homo sapiens' 
_pdbx_entity_src_syn.organism_common_name   ? 
_pdbx_entity_src_syn.ncbi_taxonomy_id       9606 
_pdbx_entity_src_syn.details                ? 
# 
loop_
_chem_comp.id 
_chem_comp.type 
_chem_comp.mon_nstd_flag 
_chem_comp.name 
_chem_comp.pdbx_synonyms 
_chem_comp.formula 
_chem_comp.formula_weight 
ASN 'L-peptide linking' y ASPARAGINE ? 'C4 H8 N2 O3'    132.118 
HIS 'L-peptide linking' y HISTIDINE  ? 'C6 H10 N3 O2 1' 156.162 
HOH non-polymer         . WATER      ? 'H2 O'           18.015  
LEU 'L-peptide linking' y LEUCINE    ? 'C6 H13 N O2'    131.173 
SER 'L-peptide linking' y SERINE     ? 'C3 H7 N O3'     105.093 
VAL 'L-peptide linking' y VALINE     ? 'C5 H11 N O2'    117.146 
# 
loop_
_pdbx_poly_seq_scheme.asym_id 
_pdbx_poly_seq_scheme.entity_id 
_pdbx_poly_seq_scheme.seq_id 
_pdbx_poly_seq_scheme.mon_id 
_pdbx_poly_seq_scheme.ndb_seq_num 
_pdbx_poly_seq_scheme.pdb_seq_num 
_pdbx_poly_seq_scheme.auth_seq_num 
_pdbx_poly_seq_scheme.pdb_mon_id 
_pdbx_poly_seq_scheme.auth_mon_id 
_pdbx_poly_seq_scheme.pdb_strand_id 
_pdbx_poly_seq_scheme.pdb_ins_code 
_pdbx_poly_seq_scheme.hetero 
A 1 1 LEU 1 1 1 LEU LEU A . n 
A 1 2 VAL 2 2 2 VAL VAL A . n 
A 1 3 HIS 3 3 3 HIS HIS A . n 
A 1 4 SER 4 4 4 SER SER A . n 
A 1 5 SER 5 5 5 SER SER A . n 
A 1 6 ASN 6 6 6 ASN ASN A . n 
# 
_pdbx_nonpoly_scheme.asym_id         B 
_pdbx_nonpoly_scheme.entity_id       2 
_pdbx_nonpoly_scheme.mon_id          HOH 
_pdbx_nonpoly_scheme.ndb_seq_num     1 
_pdbx_nonpoly_scheme.pdb_seq_num     101 
_pdbx_nonpoly_scheme.auth_seq_num    1 
_pdbx_nonpoly_scheme.pdb_mon_id      HOH 
_pdbx_nonpoly_scheme.auth_mon_id     HOH 
_pdbx_nonpoly_scheme.pdb_strand_id   A 
_pdbx_nonpoly_scheme.pdb_ins_code    . 
# 
loop_
_software.citation_id 
_software.classification 
_software.compiler_name 
_software.compiler_version 
_software.contact_author 
_software.contact_author_email 
_software.date 
_software.description 
_software.dependencies 
_software.hardware 
_software.language 
_software.location 
_software.mods 
_software.name 
_software.os 
_software.os_version 
_software.type 
_software.version 
_software.pdbx_ordinal 
? refinement       ? ? ? ? ? ? ? ? ? ? ? PHENIX ? ? ? 1.6.4_486 1 
? 'data reduction' ? ? ? ? ? ? ? ? ? ? ? DENZO  ? ? ? .         2 
? phasing          ? ? ? ? ? ? ? ? ? ? ? PHASER ? ? ? .         3 
# 
_cell.angle_alpha                  90.00 
_cell.angle_alpha_esd              ? 
_cell.angle_beta                   101.22 
_cell.angle_beta_esd               ? 
_cell.angle_gamma                  90.00 
_cell.angle_gamma_esd              ? 
_cell.entry_id                     5E5Z 
_cell.details                      ? 
_cell.formula_units_Z              ? 
_cell.length_a                     9.643 
_cell.length_a_esd                 ? 
_cell.length_b                     9.609 
_cell.length_b_esd                 ? 
_cell.length_c                     19.029 
_cell.length_c_esd                 ? 
_cell.volume                       ? 
_cell.volume_esd                   ? 
_cell.Z_PDB                        2 
_cell.reciprocal_angle_alpha       ? 
_cell.reciprocal_angle_beta        ? 
_cell.reciprocal_angle_gamma       ? 
_cell.reciprocal_angle_alpha_esd   ? 
_cell.reciprocal_angle_beta_esd    ? 
_cell.reciprocal_angle_gamma_esd   ? 
_cell.reciprocal_length_a          ? 
_cell.reciprocal_length_b          ? 
_cell.reciprocal_length_c          ? 
_cell.reciprocal_length_a_esd      ? 
_cell.reciprocal_length_b_esd      ? 
_cell.reciprocal_length_c_esd      ? 
_cell.pdbx_unique_axis             ? 
# 
_symmetry.entry_id                         5E5Z 
_symmetry.cell_setting                     ? 
_symmetry.Int_Tables_number                4 
_symmetry.space_group_name_Hall            ? 
_symmetry.space_group_name_H-M             'P 1 21 1' 
_symmetry.pdbx_full_space_group_name_H-M   ? 
# 
_exptl.absorpt_coefficient_mu     ? 
_exptl.absorpt_correction_T_max   ? 
_exptl.absorpt_correction_T_min   ? 
_exptl.absorpt_correction_type    ? 
_exptl.absorpt_process_details    ? 
_exptl.entry_id                   5E5Z 
_exptl.crystals_number            ? 
_exptl.details                    ? 
_exptl.method                     'X-RAY DIFFRACTION' 
_exptl.method_details             ? 
# 
_exptl_crystal.colour                      ? 
_exptl_crystal.density_diffrn              ? 
_exptl_crystal.density_Matthews            1.32 
_exptl_crystal.density_method              ? 
_exptl_crystal.density_percent_sol         6.59 
_exptl_crystal.description                 ? 
_exptl_crystal.F_000                       ? 
_exptl_crystal.id                          1 
_exptl_crystal.preparation                 ? 
_exptl_crystal.size_max                    ? 
_exptl_crystal.size_mid                    ? 
_exptl_crystal.size_min                    ? 
_exptl_crystal.size_rad                    ? 
_exptl_crystal.colour_lustre               ? 
_exptl_crystal.colour_modifier             ? 
_exptl_crystal.colour_primary              ? 
_exptl_crystal.density_meas                ? 
_exptl_crystal.density_meas_esd            ? 
_exptl_crystal.density_meas_gt             ? 
_exptl_crystal.density_meas_lt             ? 
_exptl_crystal.density_meas_temp           ? 
_exptl_crystal.density_meas_temp_esd       ? 
_exptl_crystal.density_meas_temp_gt        ? 
_exptl_crystal.density_meas_temp_lt        ? 
_exptl_crystal.pdbx_crystal_image_url      ? 
_exptl_crystal.pdbx_crystal_image_format   ? 
_exptl_crystal.pdbx_mosaicity              ? 
_exptl_crystal.pdbx_mosaicity_esd          ? 
# 
_exptl_crystal_grow.apparatus       ? 
_exptl_crystal_grow.atmosphere      ? 
_exptl_crystal_grow.crystal_id      1 
_exptl_crystal_grow.details         ? 
_exptl_crystal_grow.method          'VAPOR DIFFUSION, HANGING DROP' 
_exptl_crystal_grow.method_ref      ? 
_exptl_crystal_grow.pH              ? 
_exptl_crystal_grow.pressure        ? 
_exptl_crystal_grow.pressure_esd    ? 
_exptl_crystal_grow.seeding         ? 
_exptl_crystal_grow.seeding_ref     ? 
_exptl_crystal_grow.temp            291 
_exptl_crystal_grow.temp_details    ? 
_exptl_crystal_grow.temp_esd        ? 
_exptl_crystal_grow.time            ? 
_exptl_crystal_grow.pdbx_details    
'20 mg/ml in water and mixed with 0.09 M HEPES pH 7.5, 1.26M tri-sodium citrate, and 10% glycerol' 
_exptl_crystal_grow.pdbx_pH_range   ? 
# 
_diffrn.ambient_environment    ? 
_diffrn.ambient_temp           291 
_diffrn.ambient_temp_details   ? 
_diffrn.ambient_temp_esd       ? 
_diffrn.crystal_id             1 
_diffrn.crystal_support        ? 
_diffrn.crystal_treatment      ? 
_diffrn.details                ? 
_diffrn.id                     1 
_diffrn.ambient_pressure       ? 
_diffrn.ambient_pressure_esd   ? 
_diffrn.ambient_pressure_gt    ? 
_diffrn.ambient_pressure_lt    ? 
_diffrn.ambient_temp_gt        ? 
_diffrn.ambient_temp_lt        ? 
# 
_diffrn_detector.details                      ? 
_diffrn_detector.detector                     CCD 
_diffrn_detector.diffrn_id                    1 
_diffrn_detector.type                         'ADSC QUANTUM 315' 
_diffrn_detector.area_resol_mean              ? 
_diffrn_detector.dtime                        ? 
_diffrn_detector.pdbx_frames_total            ? 
_diffrn_detector.pdbx_collection_time_total   ? 
_diffrn_detector.pdbx_collection_date         2010-03-10 
# 
_diffrn_radiation.collimation                      ? 
_diffrn_radiation.diffrn_id                        1 
_diffrn_radiation.filter_edge                      ? 
_diffrn_radiation.inhomogeneity                    ? 
_diffrn_radiation.monochromator                    ? 
_diffrn_radiation.polarisn_norm                    ? 
_diffrn_radiation.polarisn_ratio                   ? 
_diffrn_radiation.probe                            ? 
_diffrn_radiation.type                             ? 
_diffrn_radiation.xray_symbol                      ? 
_diffrn_radiation.wavelength_id                    1 
_diffrn_radiation.pdbx_monochromatic_or_laue_m_l   M 
_diffrn_radiation.pdbx_wavelength_list             ? 
_diffrn_radiation.pdbx_wavelength                  ? 
_diffrn_radiation.pdbx_diffrn_protocol             'SINGLE WAVELENGTH' 
_diffrn_radiation.pdbx_analyzer                    ? 
_diffrn_radiation.pdbx_scattering_type             x-ray 
# 
_diffrn_radiation_wavelength.id           1 
_diffrn_radiation_wavelength.wavelength   0.979 
_diffrn_radiation_wavelength.wt           1.0 
# 
_diffrn_source.current                     ? 
_diffrn_source.details                     ? 
_diffrn_source.diffrn_id                   1 
_diffrn_source.power                       ? 
_diffrn_source.size                        ? 
_diffrn_source.source                      SYNCHROTRON 
_diffrn_source.target                      ? 
_diffrn_source.type                        'APS BEAMLINE 24-ID-E' 
_diffrn_source.voltage                     ? 
_diffrn_source.take-off_angle              ? 
_diffrn_source.pdbx_wavelength_list        0.979 
_diffrn_source.pdbx_wavelength             ? 
_diffrn_source.pdbx_synchrotron_beamline   24-ID-E 
_diffrn_source.pdbx_synchrotron_site       APS 
# 
_reflns.B_iso_Wilson_estimate            ? 
_reflns.entry_id                         5E5Z 
_reflns.data_reduction_details           ? 
_reflns.data_reduction_method            ? 
_reflns.d_resolution_high                1.6 
_reflns.d_resolution_low                 100 
_reflns.details                          ? 
_reflns.limit_h_max                      ? 
_reflns.limit_h_min                      ? 
_reflns.limit_k_max                      ? 
_reflns.limit_k_min                      ? 
_reflns.limit_l_max                      ? 
_reflns.limit_l_min                      ? 
_reflns.number_all                       ? 
_reflns.number_obs                       1136 
_reflns.observed_criterion               ? 
_reflns.observed_criterion_F_max         ? 
_reflns.observed_criterion_F_min         ? 
_reflns.observed_criterion_I_max         ? 
_reflns.observed_criterion_I_min         ? 
_reflns.observed_criterion_sigma_F       ? 
_reflns.observed_criterion_sigma_I       ? 
_reflns.percent_possible_obs             92.9 
_reflns.R_free_details                   ? 
_reflns.Rmerge_F_all                     ? 
_reflns.Rmerge_F_obs                     ? 
_reflns.Friedel_coverage                 ? 
_reflns.number_gt                        ? 
_reflns.threshold_expression             ? 
_reflns.pdbx_redundancy                  2.9 
_reflns.pdbx_Rmerge_I_obs                0.076 
_reflns.pdbx_Rmerge_I_all                ? 
_reflns.pdbx_Rsym_value                  ? 
_reflns.pdbx_netI_over_av_sigmaI         ? 
_reflns.pdbx_netI_over_sigmaI            17.86 
_reflns.pdbx_res_netI_over_av_sigmaI_2   ? 
_reflns.pdbx_res_netI_over_sigmaI_2      ? 
_reflns.pdbx_chi_squared                 ? 
_reflns.pdbx_scaling_rejects             ? 
_reflns.pdbx_d_res_high_opt              ? 
_reflns.pdbx_d_res_low_opt               ? 
_reflns.pdbx_d_res_opt_method            ? 
_reflns.phase_calculation_details        ? 
_reflns.pdbx_Rrim_I_all                  ? 
_reflns.pdbx_Rpim_I_all                  ? 
_reflns.pdbx_d_opt                       ? 
_reflns.pdbx_number_measured_all         ? 
_reflns.pdbx_diffrn_id                   1 
_reflns.pdbx_ordinal                     1 
_reflns.pdbx_CC_half                     ? 
_reflns.pdbx_R_split                     ? 
# 
_refine.aniso_B[1][1]                            0.5109 
_refine.aniso_B[1][2]                            -0.0000 
_refine.aniso_B[1][3]                            0.7797 
_refine.aniso_B[2][2]                            -3.4472 
_refine.aniso_B[2][3]                            0.0000 
_refine.aniso_B[3][3]                            -8.2645 
_refine.B_iso_max                                ? 
_refine.B_iso_mean                               ? 
_refine.B_iso_min                                ? 
_refine.correlation_coeff_Fo_to_Fc               ? 
_refine.correlation_coeff_Fo_to_Fc_free          ? 
_refine.details                                  ? 
_refine.diff_density_max                         ? 
_refine.diff_density_max_esd                     ? 
_refine.diff_density_min                         ? 
_refine.diff_density_min_esd                     ? 
_refine.diff_density_rms                         ? 
_refine.diff_density_rms_esd                     ? 
_refine.entry_id                                 5E5Z 
_refine.pdbx_refine_id                           'X-RAY DIFFRACTION' 
_refine.ls_abs_structure_details                 ? 
_refine.ls_abs_structure_Flack                   ? 
_refine.ls_abs_structure_Flack_esd               ? 
_refine.ls_abs_structure_Rogers                  ? 
_refine.ls_abs_structure_Rogers_esd              ? 
_refine.ls_d_res_high                            1.664 
_refine.ls_d_res_low                             9.459 
_refine.ls_extinction_coef                       ? 
_refine.ls_extinction_coef_esd                   ? 
_refine.ls_extinction_expression                 ? 
_refine.ls_extinction_method                     ? 
_refine.ls_goodness_of_fit_all                   ? 
_refine.ls_goodness_of_fit_all_esd               ? 
_refine.ls_goodness_of_fit_obs                   ? 
_refine.ls_goodness_of_fit_obs_esd               ? 
_refine.ls_hydrogen_treatment                    ? 
_refine.ls_matrix_type                           ? 
_refine.ls_number_constraints                    ? 
_refine.ls_number_parameters                     ? 
_refine.ls_number_reflns_all                     ? 
_refine.ls_number_reflns_obs                     391 
_refine.ls_number_reflns_R_free                  18 
_refine.ls_number_reflns_R_work                  ? 
_refine.ls_number_restraints                     ? 
_refine.ls_percent_reflns_obs                    89.07 
_refine.ls_percent_reflns_R_free                 4.60 
_refine.ls_R_factor_all                          ? 
_refine.ls_R_factor_obs                          0.1702 
_refine.ls_R_factor_R_free                       0.1983 
_refine.ls_R_factor_R_free_error                 ? 
_refine.ls_R_factor_R_free_error_details         ? 
_refine.ls_R_factor_R_work                       0.1673 
_refine.ls_R_Fsqd_factor_obs                     ? 
_refine.ls_R_I_factor_obs                        ? 
_refine.ls_redundancy_reflns_all                 ? 
_refine.ls_redundancy_reflns_obs                 ? 
_refine.ls_restrained_S_all                      ? 
_refine.ls_restrained_S_obs                      ? 
_refine.ls_shift_over_esd_max                    ? 
_refine.ls_shift_over_esd_mean                   ? 
_refine.ls_structure_factor_coef                 ? 
_refine.ls_weighting_details                     ? 
_refine.ls_weighting_scheme                      ? 
_refine.ls_wR_factor_all                         ? 
_refine.ls_wR_factor_obs                         ? 
_refine.ls_wR_factor_R_free                      ? 
_refine.ls_wR_factor_R_work                      ? 
_refine.occupancy_max                            ? 
_refine.occupancy_min                            ? 
_refine.solvent_model_details                    'FLAT BULK SOLVENT MODEL' 
_refine.solvent_model_param_bsol                 251.472 
_refine.solvent_model_param_ksol                 0.600 
_refine.ls_R_factor_gt                           ? 
_refine.ls_goodness_of_fit_gt                    ? 
_refine.ls_goodness_of_fit_ref                   ? 
_refine.ls_shift_over_su_max                     ? 
_refine.ls_shift_over_su_max_lt                  ? 
_refine.ls_shift_over_su_mean                    ? 
_refine.ls_shift_over_su_mean_lt                 ? 
_refine.pdbx_ls_sigma_I                          ? 
_refine.pdbx_ls_sigma_F                          0.00 
_refine.pdbx_ls_sigma_Fsqd                       ? 
_refine.pdbx_data_cutoff_high_absF               ? 
_refine.pdbx_data_cutoff_high_rms_absF           ? 
_refine.pdbx_data_cutoff_low_absF                ? 
_refine.pdbx_isotropic_thermal_model             ? 
_refine.pdbx_ls_cross_valid_method               'FREE R-VALUE' 
_refine.pdbx_method_to_determine_struct          'MOLECULAR REPLACEMENT' 
_refine.pdbx_starting_model                      ? 
_refine.pdbx_stereochemistry_target_values       LS_WUNIT_K1 
_refine.pdbx_R_Free_selection_details            ? 
_refine.pdbx_stereochem_target_val_spec_case     ? 
_refine.pdbx_overall_ESU_R                       ? 
_refine.pdbx_overall_ESU_R_Free                  ? 
_refine.pdbx_solvent_vdw_probe_radii             0.00 
_refine.pdbx_solvent_ion_probe_radii             ? 
_refine.pdbx_solvent_shrinkage_radii             0.00 
_refine.pdbx_real_space_R                        ? 
_refine.pdbx_density_correlation                 ? 
_refine.pdbx_pd_number_of_powder_patterns        ? 
_refine.pdbx_pd_number_of_points                 ? 
_refine.pdbx_pd_meas_number_of_points            ? 
_refine.pdbx_pd_proc_ls_prof_R_factor            ? 
_refine.pdbx_pd_proc_ls_prof_wR_factor           ? 
_refine.pdbx_pd_Marquardt_correlation_coeff      ? 
_refine.pdbx_pd_Fsqrd_R_factor                   ? 
_refine.pdbx_pd_ls_matrix_band_width             ? 
_refine.pdbx_overall_phase_error                 18.27 
_refine.pdbx_overall_SU_R_free_Cruickshank_DPI   ? 
_refine.pdbx_overall_SU_R_free_Blow_DPI          ? 
_refine.pdbx_overall_SU_R_Blow_DPI               ? 
_refine.pdbx_TLS_residual_ADP_flag               ? 
_refine.pdbx_diffrn_id                           1 
_refine.overall_SU_B                             ? 
_refine.overall_SU_ML                            0.31 
_refine.overall_SU_R_Cruickshank_DPI             ? 
_refine.overall_SU_R_free                        ? 
_refine.overall_FOM_free_R_set                   ? 
_refine.overall_FOM_work_R_set                   ? 
_refine.pdbx_average_fsc_overall                 ? 
_refine.pdbx_average_fsc_work                    ? 
_refine.pdbx_average_fsc_free                    ? 
# 
_refine_hist.pdbx_refine_id                   'X-RAY DIFFRACTION' 
_refine_hist.cycle_id                         LAST 
_refine_hist.pdbx_number_atoms_protein        46 
_refine_hist.pdbx_number_atoms_nucleic_acid   0 
_refine_hist.pdbx_number_atoms_ligand         0 
_refine_hist.number_atoms_solvent             1 
_refine_hist.number_atoms_total               47 
_refine_hist.d_res_high                       1.664 
_refine_hist.d_res_low                        9.459 
# 
loop_
_refine_ls_restr.pdbx_refine_id 
_refine_ls_restr.criterion 
_refine_ls_restr.dev_ideal 
_refine_ls_restr.dev_ideal_target 
_refine_ls_restr.number 
_refine_ls_restr.rejects 
_refine_ls_restr.type 
_refine_ls_restr.weight 
_refine_ls_restr.pdbx_restraint_function 
'X-RAY DIFFRACTION' ? 0.004  ? 46 ? f_bond_d           ? ? 
'X-RAY DIFFRACTION' ? 0.975  ? 62 ? f_angle_d          ? ? 
'X-RAY DIFFRACTION' ? 10.740 ? 15 ? f_dihedral_angle_d ? ? 
'X-RAY DIFFRACTION' ? 0.056  ? 8  ? f_chiral_restr     ? ? 
'X-RAY DIFFRACTION' ? 0.004  ? 8  ? f_plane_restr      ? ? 
# 
_refine_ls_shell.pdbx_refine_id                   'X-RAY DIFFRACTION' 
_refine_ls_shell.d_res_high                       1.6644 
_refine_ls_shell.d_res_low                        9.4587 
_refine_ls_shell.number_reflns_all                ? 
_refine_ls_shell.number_reflns_obs                ? 
_refine_ls_shell.number_reflns_R_free             18 
_refine_ls_shell.number_reflns_R_work             373 
_refine_ls_shell.percent_reflns_obs               89.00 
_refine_ls_shell.percent_reflns_R_free            ? 
_refine_ls_shell.R_factor_all                     ? 
_refine_ls_shell.R_factor_obs                     ? 
_refine_ls_shell.R_factor_R_free                  0.1983 
_refine_ls_shell.R_factor_R_free_error            ? 
_refine_ls_shell.R_factor_R_work                  0.1673 
_refine_ls_shell.redundancy_reflns_all            ? 
_refine_ls_shell.redundancy_reflns_obs            ? 
_refine_ls_shell.wR_factor_all                    ? 
_refine_ls_shell.wR_factor_obs                    ? 
_refine_ls_shell.wR_factor_R_free                 ? 
_refine_ls_shell.wR_factor_R_work                 ? 
_refine_ls_shell.pdbx_total_number_of_bins_used   ? 
_refine_ls_shell.pdbx_phase_error                 ? 
_refine_ls_shell.pdbx_fsc_work                    ? 
_refine_ls_shell.pdbx_fsc_free                    ? 
# 
_struct.entry_id                     5E5Z 
_struct.title                        'Structure of the amyloid forming peptide LVHSSN (residues' 
_struct.pdbx_model_details           ? 
_struct.pdbx_formula_weight          ? 
_struct.pdbx_formula_weight_method   ? 
_struct.pdbx_model_type_details      ? 
_struct.pdbx_CASP_flag               ? 
# 
_struct_keywords.entry_id        5E5Z 
_struct_keywords.text            'amyloid-like protofibril, de novo protein, membrane protein, Protein Fibril' 
_struct_keywords.pdbx_keywords   'de novo protein, membrane protein' 
# 
loop_
_struct_asym.id 
_struct_asym.pdbx_blank_PDB_chainid_flag 
_struct_asym.pdbx_modified 
_struct_asym.entity_id 
_struct_asym.details 
A N N 1 ? 
B N N 2 ? 
# 
_struct_ref.id                         1 
_struct_ref.db_name                    PDB 
_struct_ref.db_code                    5E5Z 
_struct_ref.pdbx_db_accession          5E5Z 
_struct_ref.pdbx_db_isoform            ? 
_struct_ref.entity_id                  1 
_struct_ref.pdbx_seq_one_letter_code   ? 
_struct_ref.pdbx_align_begin           1 
# 
_struct_ref_seq.align_id                      1 
_struct_ref_seq.ref_id                        1 
_struct_ref_seq.pdbx_PDB_id_code              5E5Z 
_struct_ref_seq.pdbx_strand_id                A 
_struct_ref_seq.seq_align_beg                 1 
_struct_ref_seq.pdbx_seq_align_beg_ins_code   ? 
_struct_ref_seq.seq_align_end                 6 
_struct_ref_seq.pdbx_seq_align_end_ins_code   ? 
_struct_ref_seq.pdbx_db_accession             5E5Z 
_struct_ref_seq.db_align_beg                  1 
_struct_ref_seq.pdbx_db_align_beg_ins_code    ? 
_struct_ref_seq.db_align_end                  6 
_struct_ref_seq.pdbx_db_align_end_ins_code    ? 
_struct_ref_seq.pdbx_auth_seq_align_beg       1 
_struct_ref_seq.pdbx_auth_seq_align_end       6 
# 
_pdbx_struct_assembly.id                   1 
_pdbx_struct_assembly.details              author_defined_assembly 
_pdbx_struct_assembly.method_details       ? 
_pdbx_struct_assembly.oligomeric_details   decameric 
_pdbx_struct_assembly.oligomeric_count     10 
# 
_pdbx_struct_assembly_gen.assembly_id       1 
_pdbx_struct_assembly_gen.oper_expression   1,2,3,4,5,6,7,8,9,10 
_pdbx_struct_assembly_gen.asym_id_list      A,B 
# 
loop_
_pdbx_struct_oper_list.id 
_pdbx_struct_oper_list.type 
_pdbx_struct_oper_list.name 
_pdbx_struct_oper_list.symmetry_operation 
_pdbx_struct_oper_list.matrix[1][1] 
_pdbx_struct_oper_list.matrix[1][2] 
_pdbx_struct_oper_list.matrix[1][3] 
_pdbx_struct_oper_list.vector[1] 
_pdbx_struct_oper_list.matrix[2][1] 
_pdbx_struct_oper_list.matrix[2][2] 
_pdbx_struct_oper_list.matrix[2][3] 
_pdbx_struct_oper_list.vector[2] 
_pdbx_struct_oper_list.matrix[3][1] 
_pdbx_struct_oper_list.matrix[3][2] 
_pdbx_struct_oper_list.matrix[3][3] 
_pdbx_struct_oper_list.vector[3] 
1  'identity operation'         1_555 x,y,z         1.0000000000  0.0000000000 0.0000000000  0.0000000000   0.0000000000 1.0000000000 0.0000000000  0.0000000000  0.0000000000  0.0000000000  1.0000000000  0.0000000000  
2  'crystal symmetry operation' 1_545 x,y-1,z       1.0000000000  0.0000000000 0.0000000000  3.2022748605   0.0000000000 1.0000000000 0.0000000000  9.0275602288  0.0000000000  0.0000000000  1.0000000000  -0.7625437911 
3  'crystal symmetry operation' 1_565 x,y+1,z       1.0000000000  0.0000000000 0.0000000000  -3.2022748605  0.0000000000 1.0000000000 0.0000000000  -9.0275602288 0.0000000000  0.0000000000  1.0000000000  0.7625437911  
4  'crystal symmetry operation' 1_655 x+1,y,z       1.0000000000  0.0000000000 0.0000000000  -8.0975346263  0.0000000000 1.0000000000 0.0000000000  3.2210769086  0.0000000000  0.0000000000  1.0000000000  4.1282012456  
5  'crystal symmetry operation' 1_645 x+1,y-1,z     1.0000000000  0.0000000000 0.0000000000  -4.8952597658  0.0000000000 1.0000000000 0.0000000000  12.2486371374 0.0000000000  0.0000000000  1.0000000000  3.3656574545  
6  'crystal symmetry operation' 1_665 x+1,y+1,z     1.0000000000  0.0000000000 0.0000000000  -11.2998094868 0.0000000000 1.0000000000 0.0000000000  -5.8064833202 0.0000000000  0.0000000000  1.0000000000  4.8907450368  
7  'crystal symmetry operation' 2_645 -x+1,y-1/2,-z -0.7778783859 0.6261849270 -0.0528928543 -1.8348816425  0.6261849270 0.7652832404 -0.1491106944 5.2016349727  -0.0528928543 -0.1491106944 -0.9874048545 -6.6673716458 
8  'crystal symmetry operation' 2_655 -x+1,y+1/2,-z -0.7778783859 0.6261849270 -0.0528928543 -5.0371565030  0.6261849270 0.7652832404 -0.1491106944 -3.8259252561 -0.0528928543 -0.1491106944 -0.9874048545 -5.9048278547 
9  'crystal symmetry operation' 2_745 -x+2,y-1/2,-z -0.7778783859 0.6261849270 -0.0528928543 -9.9324162688  0.6261849270 0.7652832404 -0.1491106944 8.4227118813  -0.0528928543 -0.1491106944 -0.9874048545 -2.5391704002 
10 'crystal symmetry operation' 2_755 -x+2,y+1/2,-z -0.7778783859 0.6261849270 -0.0528928543 -13.1346911293 0.6261849270 0.7652832404 -0.1491106944 -0.6048483475 -0.0528928543 -0.1491106944 -0.9874048545 -1.7766266090 
# 
_pdbx_refine_tls.id               1 
_pdbx_refine_tls.pdbx_refine_id   'X-RAY DIFFRACTION' 
_pdbx_refine_tls.details          ? 
_pdbx_refine_tls.method           refined 
_pdbx_refine_tls.origin_x         0.2616 
_pdbx_refine_tls.origin_y         0.0359 
_pdbx_refine_tls.origin_z         0.3048 
_pdbx_refine_tls.T[1][1]          -0.0440 
_pdbx_refine_tls.T[1][1]_esd      ? 
_pdbx_refine_tls.T[1][2]          0.0299 
_pdbx_refine_tls.T[1][2]_esd      ? 
_pdbx_refine_tls.T[1][3]          0.0218 
_pdbx_refine_tls.T[1][3]_esd      ? 
_pdbx_refine_tls.T[2][2]          -0.1225 
_pdbx_refine_tls.T[2][2]_esd      ? 
_pdbx_refine_tls.T[2][3]          -0.1151 
_pdbx_refine_tls.T[2][3]_esd      ? 
_pdbx_refine_tls.T[3][3]          -0.0871 
_pdbx_refine_tls.T[3][3]_esd      ? 
_pdbx_refine_tls.L[1][1]          0.0370 
_pdbx_refine_tls.L[1][1]_esd      ? 
_pdbx_refine_tls.L[1][2]          -0.0268 
_pdbx_refine_tls.L[1][2]_esd      ? 
_pdbx_refine_tls.L[1][3]          -0.0277 
_pdbx_refine_tls.L[1][3]_esd      ? 
_pdbx_refine_tls.L[2][2]          0.0419 
_pdbx_refine_tls.L[2][2]_esd      ? 
_pdbx_refine_tls.L[2][3]          0.0539 
_pdbx_refine_tls.L[2][3]_esd      ? 
_pdbx_refine_tls.L[3][3]          0.1044 
_pdbx_refine_tls.L[3][3]_esd      ? 
_pdbx_refine_tls.S[1][1]          0.0257 
_pdbx_refine_tls.S[1][1]_esd      ? 
_pdbx_refine_tls.S[1][2]          -0.0277 
_pdbx_refine_tls.S[1][2]_esd      ? 
_pdbx_refine_tls.S[1][3]          0.0330 
_pdbx_refine_tls.S[1][3]_esd      ? 
_pdbx_refine_tls.S[2][1]          0.0084 
_pdbx_refine_tls.S[2][1]_esd      ? 
_pdbx_refine_tls.S[2][2]          0.0132 
_pdbx_refine_tls.S[2][2]_esd      ? 
_pdbx_refine_tls.S[2][3]          -0.0370 
_pdbx_refine_tls.S[2][3]_esd      ? 
_pdbx_refine_tls.S[3][1]          -0.0059 
_pdbx_refine_tls.S[3][1]_esd      ? 
_pdbx_refine_tls.S[3][2]          0.0178 
_pdbx_refine_tls.S[3][2]_esd      ? 
_pdbx_refine_tls.S[3][3]          -0.0224 
_pdbx_refine_tls.S[3][3]_esd      ? 
# 
_pdbx_refine_tls_group.id                  1 
_pdbx_refine_tls_group.pdbx_refine_id      'X-RAY DIFFRACTION' 
_pdbx_refine_tls_group.refine_tls_id       1 
_pdbx_refine_tls_group.beg_label_asym_id   ? 
_pdbx_refine_tls_group.beg_label_seq_id    ? 
_pdbx_refine_tls_group.beg_auth_asym_id    ? 
_pdbx_refine_tls_group.beg_auth_seq_id     ? 
_pdbx_refine_tls_group.end_label_asym_id   ? 
_pdbx_refine_tls_group.end_label_seq_id    ? 
_pdbx_refine_tls_group.end_auth_asym_id    ? 
_pdbx_refine_tls_group.end_auth_seq_id     ? 
_pdbx_refine_tls_group.selection           ? 
_pdbx_refine_tls_group.selection_details   all 
# 
loop_
_chem_comp_atom.comp_id 
_chem_comp_atom.atom_id 
_chem_comp_atom.type_symbol 
_chem_comp_atom.pdbx_aromatic_flag 
_chem_comp_atom.pdbx_stereo_config 
_chem_comp_atom.pdbx_ordinal 
ASN N    N N N 1  
ASN CA   C N S 2  
ASN C    C N N 3  
ASN O    O N N 4  
ASN CB   C N N 5  
ASN CG   C N N 6  
ASN OD1  O N N 7  
ASN ND2  N N N 8  
ASN OXT  O N N 9  
ASN H    H N N 10 
ASN H2   H N N 11 
ASN HA   H N N 12 
ASN HB2  H N N 13 
ASN HB3  H N N 14 
ASN HD21 H N N 15 
ASN HD22 H N N 16 
ASN HXT  H N N 17 
HIS N    N N N 18 
HIS CA   C N S 19 
HIS C    C N N 20 
HIS O    O N N 21 
HIS CB   C N N 22 
HIS CG   C Y N 23 
HIS ND1  N Y N 24 
HIS CD2  C Y N 25 
HIS CE1  C Y N 26 
HIS NE2  N Y N 27 
HIS OXT  O N N 28 
HIS H    H N N 29 
HIS H2   H N N 30 
HIS HA   H N N 31 
HIS HB2  H N N 32 
HIS HB3  H N N 33 
HIS HD1  H N N 34 
HIS HD2  H N N 35 
HIS HE1  H N N 36 
HIS HE2  H N N 37 
HIS HXT  H N N 38 
HOH O    O N N 39 
HOH H1   H N N 40 
HOH H2   H N N 41 
LEU N    N N N 42 
LEU CA   C N S 43 
LEU C    C N N 44 
LEU O    O N N 45 
LEU CB   C N N 46 
LEU CG   C N N 47 
LEU CD1  C N N 48 
LEU CD2  C N N 49 
LEU OXT  O N N 50 
LEU H    H N N 51 
LEU H2   H N N 52 
LEU HA   H N N 53 
LEU HB2  H N N 54 
LEU HB3  H N N 55 
LEU HG   H N N 56 
LEU HD11 H N N 57 
LEU HD12 H N N 58 
LEU HD13 H N N 59 
LEU HD21 H N N 60 
LEU HD22 H N N 61 
LEU HD23 H N N 62 
LEU HXT  H N N 63 
SER N    N N N 64 
SER CA   C N S 65 
SER C    C N N 66 
SER O    O N N 67 
SER CB   C N N 68 
SER OG   O N N 69 
SER OXT  O N N 70 
SER H    H N N 71 
SER H2   H N N 72 
SER HA   H N N 73 
SER HB2  H N N 74 
SER HB3  H N N 75 
SER HG   H N N 76 
SER HXT  H N N 77 
VAL N    N N N 78 
VAL CA   C N S 79 
VAL C    C N N 80 
VAL O    O N N 81 
VAL CB   C N N 82 
VAL CG1  C N N 83 
VAL CG2  C N N 84 
VAL OXT  O N N 85 
VAL H    H N N 86 
VAL H2   H N N 87 
VAL HA   H N N 88 
VAL HB   H N N 89 
VAL HG11 H N N 90 
VAL HG12 H N N 91 
VAL HG13 H N N 92 
VAL HG21 H N N 93 
VAL HG22 H N N 94 
VAL HG23 H N N 95 
VAL HXT  H N N 96 
# 
loop_
_chem_comp_bond.comp_id 
_chem_comp_bond.atom_id_1 
_chem_comp_bond.atom_id_2 
_chem_comp_bond.value_order 
_chem_comp_bond.pdbx_aromatic_flag 
_chem_comp_bond.pdbx_stereo_config 
_chem_comp_bond.pdbx_ordinal 
ASN N   CA   sing N N 1  
ASN N   H    sing N N 2  
ASN N   H2   sing N N 3  
ASN CA  C    sing N N 4  
ASN CA  CB   sing N N 5  
ASN CA  HA   sing N N 6  
ASN C   O    doub N N 7  
ASN C   OXT  sing N N 8  
ASN CB  CG   sing N N 9  
ASN CB  HB2  sing N N 10 
ASN CB  HB3  sing N N 11 
ASN CG  OD1  doub N N 12 
ASN CG  ND2  sing N N 13 
ASN ND2 HD21 sing N N 14 
ASN ND2 HD22 sing N N 15 
ASN OXT HXT  sing N N 16 
HIS N   CA   sing N N 17 
HIS N   H    sing N N 18 
HIS N   H2   sing N N 19 
HIS CA  C    sing N N 20 
HIS CA  CB   sing N N 21 
HIS CA  HA   sing N N 22 
HIS C   O    doub N N 23 
HIS C   OXT  sing N N 24 
HIS CB  CG   sing N N 25 
HIS CB  HB2  sing N N 26 
HIS CB  HB3  sing N N 27 
HIS CG  ND1  sing Y N 28 
HIS CG  CD2  doub Y N 29 
HIS ND1 CE1  doub Y N 30 
HIS ND1 HD1  sing N N 31 
HIS CD2 NE2  sing Y N 32 
HIS CD2 HD2  sing N N 33 
HIS CE1 NE2  sing Y N 34 
HIS CE1 HE1  sing N N 35 
HIS NE2 HE2  sing N N 36 
HIS OXT HXT  sing N N 37 
HOH O   H1   sing N N 38 
HOH O   H2   sing N N 39 
LEU N   CA   sing N N 40 
LEU N   H    sing N N 41 
LEU N   H2   sing N N 42 
LEU CA  C    sing N N 43 
LEU CA  CB   sing N N 44 
LEU CA  HA   sing N N 45 
LEU C   O    doub N N 46 
LEU C   OXT  sing N N 47 
LEU CB  CG   sing N N 48 
LEU CB  HB2  sing N N 49 
LEU CB  HB3  sing N N 50 
LEU CG  CD1  sing N N 51 
LEU CG  CD2  sing N N 52 
LEU CG  HG   sing N N 53 
LEU CD1 HD11 sing N N 54 
LEU CD1 HD12 sing N N 55 
LEU CD1 HD13 sing N N 56 
LEU CD2 HD21 sing N N 57 
LEU CD2 HD22 sing N N 58 
LEU CD2 HD23 sing N N 59 
LEU OXT HXT  sing N N 60 
SER N   CA   sing N N 61 
SER N   H    sing N N 62 
SER N   H2   sing N N 63 
SER CA  C    sing N N 64 
SER CA  CB   sing N N 65 
SER CA  HA   sing N N 66 
SER C   O    doub N N 67 
SER C   OXT  sing N N 68 
SER CB  OG   sing N N 69 
SER CB  HB2  sing N N 70 
SER CB  HB3  sing N N 71 
SER OG  HG   sing N N 72 
SER OXT HXT  sing N N 73 
VAL N   CA   sing N N 74 
VAL N   H    sing N N 75 
VAL N   H2   sing N N 76 
VAL CA  C    sing N N 77 
VAL CA  CB   sing N N 78 
VAL CA  HA   sing N N 79 
VAL C   O    doub N N 80 
VAL C   OXT  sing N N 81 
VAL CB  CG1  sing N N 82 
VAL CB  CG2  sing N N 83 
VAL CB  HB   sing N N 84 
VAL CG1 HG11 sing N N 85 
VAL CG1 HG12 sing N N 86 
VAL CG1 HG13 sing N N 87 
VAL CG2 HG21 sing N N 88 
VAL CG2 HG22 sing N N 89 
VAL CG2 HG23 sing N N 90 
VAL OXT HXT  sing N N 91 
# 
_atom_sites.entry_id                    5E5Z 
_atom_sites.fract_transf_matrix[1][1]   -0.07825952 
_atom_sites.fract_transf_matrix[1][2]   0.03307523 
_atom_sites.fract_transf_matrix[1][3]   0.06292119 
_atom_sites.fract_transf_matrix[2][1]   -0.03468181 
_atom_sites.fract_transf_matrix[2][2]   -0.09777179 
_atom_sites.fract_transf_matrix[2][3]   0.00825863 
_atom_sites.fract_transf_matrix[3][1]   0.02296840 
_atom_sites.fract_transf_matrix[3][2]   -0.00407338 
_atom_sites.fract_transf_matrix[3][3]   0.04823119 
_atom_sites.fract_transf_vector[1]      0.551938 
_atom_sites.fract_transf_vector[2]      0.021473 
_atom_sites.fract_transf_vector[3]      0.192454 
# 
loop_
_atom_type.symbol 
C 
N 
O 
# 
loop_
_atom_site.group_PDB 
_atom_site.id 
_atom_site.type_symbol 
_atom_site.label_atom_id 
_atom_site.label_alt_id 
_atom_site.label_comp_id 
_atom_site.label_asym_id 
_atom_site.label_entity_id 
_atom_site.label_seq_id 
_atom_site.pdbx_PDB_ins_code 
_atom_site.Cartn_x 
_atom_site.Cartn_y 
_atom_site.Cartn_z 
_atom_site.occupancy 
_atom_site.B_iso_or_equiv 
_atom_site.pdbx_formal_charge 
_atom_site.auth_seq_id 
_atom_site.auth_comp_id 
_atom_site.auth_asym_id 
_atom_site.auth_atom_id 
_atom_site.pdbx_PDB_model_num 
ATOM   1  N N   . LEU A 1 1 ? -5.069 1.682  -7.825 1.00 0.00  ? 1   LEU A N   1 
ATOM   2  C CA  . LEU A 1 1 ? -3.922 1.031  -7.197 1.00 2.42  ? 1   LEU A CA  1 
ATOM   3  C C   . LEU A 1 1 ? -3.597 1.684  -5.863 1.00 3.48  ? 1   LEU A C   1 
ATOM   4  O O   . LEU A 1 1 ? -3.506 2.907  -5.765 1.00 3.52  ? 1   LEU A O   1 
ATOM   5  C CB  . LEU A 1 1 ? -2.698 1.081  -8.132 1.00 1.86  ? 1   LEU A CB  1 
ATOM   6  C CG  . LEU A 1 1 ? -1.367 0.429  -7.719 1.00 6.87  ? 1   LEU A CG  1 
ATOM   7  C CD1 . LEU A 1 1 ? -0.678 1.163  -6.573 1.00 11.83 ? 1   LEU A CD1 1 
ATOM   8  C CD2 . LEU A 1 1 ? -1.553 -1.047 -7.380 1.00 4.27  ? 1   LEU A CD2 1 
ATOM   9  N N   . VAL A 1 2 ? -3.438 0.860  -4.832 1.00 0.61  ? 2   VAL A N   1 
ATOM   10 C CA  . VAL A 1 2 ? -2.906 1.324  -3.561 1.00 0.12  ? 2   VAL A CA  1 
ATOM   11 C C   . VAL A 1 2 ? -1.873 0.325  -3.071 1.00 3.40  ? 2   VAL A C   1 
ATOM   12 O O   . VAL A 1 2 ? -2.102 -0.883 -3.115 1.00 3.22  ? 2   VAL A O   1 
ATOM   13 C CB  . VAL A 1 2 ? -4.009 1.461  -2.485 1.00 3.56  ? 2   VAL A CB  1 
ATOM   14 C CG1 . VAL A 1 2 ? -3.388 1.775  -1.124 1.00 7.93  ? 2   VAL A CG1 1 
ATOM   15 C CG2 . VAL A 1 2 ? -5.013 2.523  -2.880 1.00 6.71  ? 2   VAL A CG2 1 
ATOM   16 N N   . HIS A 1 3 ? -0.724 0.826  -2.631 1.00 0.22  ? 3   HIS A N   1 
ATOM   17 C CA  . HIS A 1 3 ? 0.223  -0.009 -1.908 1.00 1.73  ? 3   HIS A CA  1 
ATOM   18 C C   . HIS A 1 3 ? 0.669  0.649  -0.611 1.00 1.84  ? 3   HIS A C   1 
ATOM   19 O O   . HIS A 1 3 ? 0.926  1.854  -0.567 1.00 0.73  ? 3   HIS A O   1 
ATOM   20 C CB  . HIS A 1 3 ? 1.463  -0.342 -2.737 1.00 2.62  ? 3   HIS A CB  1 
ATOM   21 C CG  . HIS A 1 3 ? 2.566  -0.931 -1.914 1.00 2.97  ? 3   HIS A CG  1 
ATOM   22 N ND1 . HIS A 1 3 ? 3.586  -0.172 -1.380 1.00 4.29  ? 3   HIS A ND1 1 
ATOM   23 C CD2 . HIS A 1 3 ? 2.768  -2.196 -1.473 1.00 4.90  ? 3   HIS A CD2 1 
ATOM   24 C CE1 . HIS A 1 3 ? 4.387  -0.949 -0.672 1.00 5.53  ? 3   HIS A CE1 1 
ATOM   25 N NE2 . HIS A 1 3 ? 3.913  -2.182 -0.713 1.00 6.02  ? 3   HIS A NE2 1 
ATOM   26 N N   . SER A 1 4 ? 0.765  -0.165 0.437  1.00 0.34  ? 4   SER A N   1 
ATOM   27 C CA  . SER A 1 4 ? 1.287  0.261  1.732  1.00 1.49  ? 4   SER A CA  1 
ATOM   28 C C   . SER A 1 4 ? 1.832  -0.951 2.478  1.00 2.14  ? 4   SER A C   1 
ATOM   29 O O   . SER A 1 4 ? 1.194  -2.003 2.500  1.00 3.47  ? 4   SER A O   1 
ATOM   30 C CB  . SER A 1 4 ? 0.183  0.917  2.560  1.00 5.61  ? 4   SER A CB  1 
ATOM   31 O OG  . SER A 1 4 ? 0.625  1.147  3.887  1.00 9.89  ? 4   SER A OG  1 
ATOM   32 N N   . SER A 1 5 ? 3.005  -0.812 3.091  1.00 2.34  ? 5   SER A N   1 
ATOM   33 C CA  . SER A 1 5 ? 3.558  -1.905 3.891  1.00 0.66  ? 5   SER A CA  1 
ATOM   34 C C   . SER A 1 5 ? 3.113  -1.828 5.354  1.00 2.66  ? 5   SER A C   1 
ATOM   35 O O   . SER A 1 5 ? 3.513  -2.660 6.166  1.00 2.02  ? 5   SER A O   1 
ATOM   36 C CB  . SER A 1 5 ? 5.088  -1.944 3.809  1.00 2.68  ? 5   SER A CB  1 
ATOM   37 O OG  . SER A 1 5 ? 5.677  -0.837 4.474  1.00 2.49  ? 5   SER A OG  1 
ATOM   38 N N   . ASN A 1 6 ? 2.296  -0.830 5.685  1.00 2.94  ? 6   ASN A N   1 
ATOM   39 C CA  . ASN A 1 6 ? 1.760  -0.702 7.043  1.00 4.68  ? 6   ASN A CA  1 
ATOM   40 C C   . ASN A 1 6 ? 0.706  -1.755 7.342  1.00 10.84 ? 6   ASN A C   1 
ATOM   41 O O   . ASN A 1 6 ? 0.314  -1.935 8.492  1.00 13.68 ? 6   ASN A O   1 
ATOM   42 C CB  . ASN A 1 6 ? 1.154  0.684  7.281  1.00 5.08  ? 6   ASN A CB  1 
ATOM   43 C CG  . ASN A 1 6 ? 2.200  1.739  7.590  1.00 8.08  ? 6   ASN A CG  1 
ATOM   44 O OD1 . ASN A 1 6 ? 3.377  1.428  7.767  1.00 8.72  ? 6   ASN A OD1 1 
ATOM   45 N ND2 . ASN A 1 6 ? 1.769  2.995  7.673  1.00 9.89  ? 6   ASN A ND2 1 
ATOM   46 O OXT . ASN A 1 6 ? 0.206  -2.431 6.444  1.00 14.02 ? 6   ASN A OXT 1 
HETATM 47 O O   . HOH B 2 . ? -6.796 1.026  -5.737 1.00 12.67 ? 101 HOH A O   1 
# 
loop_
_atom_site_anisotrop.id 
_atom_site_anisotrop.type_symbol 
_atom_site_anisotrop.pdbx_label_atom_id 
_atom_site_anisotrop.pdbx_label_alt_id 
_atom_site_anisotrop.pdbx_label_comp_id 
_atom_site_anisotrop.pdbx_label_asym_id 
_atom_site_anisotrop.pdbx_label_seq_id 
_atom_site_anisotrop.pdbx_PDB_ins_code 
_atom_site_anisotrop.U[1][1] 
_atom_site_anisotrop.U[2][2] 
_atom_site_anisotrop.U[3][3] 
_atom_site_anisotrop.U[1][2] 
_atom_site_anisotrop.U[1][3] 
_atom_site_anisotrop.U[2][3] 
_atom_site_anisotrop.pdbx_auth_seq_id 
_atom_site_anisotrop.pdbx_auth_comp_id 
_atom_site_anisotrop.pdbx_auth_asym_id 
_atom_site_anisotrop.pdbx_auth_atom_id 
1  N N   . LEU A 1 ? 0.0000  0.0000 0.0000 0.0000  0.0000  0.0000  1   LEU A N   
2  C CA  . LEU A 1 ? 0.0307  0.0307 0.0307 0.0000  0.0000  0.0000  1   LEU A CA  
3  C C   . LEU A 1 ? 0.0435  0.0443 0.0445 0.0000  0.0000  -0.0009 1   LEU A C   
4  O O   . LEU A 1 ? 0.0436  0.0449 0.0455 -0.0001 0.0001  -0.0016 1   LEU A O   
5  C CB  . LEU A 1 ? 0.0232  0.0236 0.0238 0.0000  0.0000  -0.0005 1   LEU A CB  
6  C CG  . LEU A 1 ? 0.0861  0.0872 0.0878 0.0000  0.0001  -0.0014 1   LEU A CG  
7  C CD1 . LEU A 1 ? 0.1481  0.1503 0.1513 0.0000  0.0001  -0.0027 1   LEU A CD1 
8  C CD2 . LEU A 1 ? 0.0536  0.0543 0.0545 0.0000  -0.0001 -0.0007 1   LEU A CD2 
9  N N   . VAL A 2 ? 0.0071  0.0079 0.0083 0.0000  0.0000  -0.0011 2   VAL A N   
10 C CA  . VAL A 2 ? 0.0000  0.0018 0.0026 0.0000  -0.0001 -0.0022 2   VAL A CA  
11 C C   . VAL A 2 ? 0.0412  0.0435 0.0443 0.0001  -0.0001 -0.0027 2   VAL A C   
12 O O   . VAL A 2 ? 0.0394  0.0412 0.0418 0.0002  -0.0002 -0.0020 2   VAL A O   
13 C CB  . VAL A 2 ? 0.0439  0.0455 0.0460 0.0000  -0.0001 -0.0018 2   VAL A CB  
14 C CG1 . VAL A 2 ? 0.0985  0.1010 0.1019 0.0000  -0.0001 -0.0030 2   VAL A CG1 
15 C CG2 . VAL A 2 ? 0.0841  0.0852 0.0857 0.0000  0.0000  -0.0014 2   VAL A CG2 
16 N N   . HIS A 3 ? -0.0001 0.0035 0.0049 0.0001  -0.0001 -0.0041 3   HIS A N   
17 C CA  . HIS A 3 ? 0.0187  0.0228 0.0243 0.0003  -0.0003 -0.0049 3   HIS A CA  
18 C C   . HIS A 3 ? 0.0192  0.0244 0.0263 0.0003  -0.0004 -0.0062 3   HIS A C   
19 O O   . HIS A 3 ? 0.0045  0.0104 0.0126 0.0001  -0.0001 -0.0069 3   HIS A O   
20 C CB  . HIS A 3 ? 0.0294  0.0341 0.0358 0.0003  -0.0003 -0.0055 3   HIS A CB  
21 C CG  . HIS A 3 ? 0.0332  0.0389 0.0408 0.0004  -0.0005 -0.0067 3   HIS A CG  
22 N ND1 . HIS A 3 ? 0.0488  0.0558 0.0584 0.0004  -0.0005 -0.0083 3   HIS A ND1 
23 C CD2 . HIS A 3 ? 0.0578  0.0633 0.0651 0.0007  -0.0009 -0.0065 3   HIS A CD2 
24 C CE1 . HIS A 3 ? 0.0640  0.0717 0.0743 0.0007  -0.0009 -0.0090 3   HIS A CE1 
25 N NE2 . HIS A 3 ? 0.0711  0.0779 0.0799 0.0010  -0.0010 -0.0079 3   HIS A NE2 
26 N N   . SER A 4 ? 0.0001  0.0056 0.0073 0.0006  -0.0006 -0.0063 4   SER A N   
27 C CA  . SER A 4 ? 0.0138  0.0205 0.0224 0.0006  -0.0007 -0.0076 4   SER A CA  
28 C C   . SER A 4 ? 0.0219  0.0288 0.0306 0.0010  -0.0011 -0.0079 4   SER A C   
29 O O   . SER A 4 ? 0.0393  0.0454 0.0469 0.0010  -0.0012 -0.0069 4   SER A O   
30 C CB  . SER A 4 ? 0.0662  0.0726 0.0744 0.0005  -0.0006 -0.0073 4   SER A CB  
31 O OG  . SER A 4 ? 0.1197  0.1271 0.1291 0.0007  -0.0008 -0.0084 4   SER A OG  
32 N N   . SER A 5 ? 0.0235  0.0317 0.0339 0.0012  -0.0013 -0.0095 5   SER A N   
33 C CA  . SER A 5 ? 0.0019  0.0107 0.0127 0.0016  -0.0018 -0.0099 5   SER A CA  
34 C C   . SER A 5 ? 0.0270  0.0360 0.0378 0.0018  -0.0020 -0.0102 5   SER A C   
35 O O   . SER A 5 ? 0.0188  0.0282 0.0299 0.0023  -0.0024 -0.0107 5   SER A O   
36 C CB  . SER A 5 ? 0.0264  0.0365 0.0388 0.0018  -0.0019 -0.0116 5   SER A CB  
37 O OG  . SER A 5 ? 0.0230  0.0345 0.0373 0.0017  -0.0018 -0.0130 5   SER A OG  
38 N N   . ASN A 6 ? 0.0307  0.0396 0.0414 0.0016  -0.0017 -0.0101 6   ASN A N   
39 C CA  . ASN A 6 ? 0.0526  0.0617 0.0634 0.0017  -0.0018 -0.0103 6   ASN A CA  
40 C C   . ASN A 6 ? 0.1316  0.1396 0.1408 0.0018  -0.0019 -0.0090 6   ASN A C   
41 O O   . ASN A 6 ? 0.1675  0.1757 0.1768 0.0020  -0.0022 -0.0091 6   ASN A O   
42 C CB  . ASN A 6 ? 0.0575  0.0667 0.0687 0.0014  -0.0015 -0.0104 6   ASN A CB  
43 C CG  . ASN A 6 ? 0.0943  0.1052 0.1077 0.0013  -0.0014 -0.0122 6   ASN A CG  
44 O OD1 . ASN A 6 ? 0.1017  0.1135 0.1162 0.0015  -0.0017 -0.0133 6   ASN A OD1 
45 N ND2 . ASN A 6 ? 0.1170  0.1280 0.1307 0.0010  -0.0010 -0.0123 6   ASN A ND2 
46 O OXT . ASN A 6 ? 0.1726  0.1796 0.1806 0.0017  -0.0018 -0.0077 6   ASN A OXT 
47 O O   . HOH B . ? 0.1605  0.1605 0.1605 0.0000  0.0000  0.0000  101 HOH A O   
# 
